data_7SE5
#
_entry.id   7SE5
#
_cell.length_a   106.454
_cell.length_b   106.454
_cell.length_c   87.813
_cell.angle_alpha   90.000
_cell.angle_beta   90.000
_cell.angle_gamma   120.000
#
_symmetry.space_group_name_H-M   'H 3'
#
loop_
_entity.id
_entity.type
_entity.pdbx_description
1 polymer "DNA (5'-D(*GP*AP*GP*CP*AP*GP*CP*CP*TP*GP*TP*(5IU)P*TP*GP*GP*AP*CP*AP*TP*CP*A)-3')"
2 polymer "DNA (5'-D(P*CP*CP*AP*(5IU)P*AP*CP*A)-3')"
3 polymer "DNA (5'-D(P*GP*GP*CP*TP*GP*CP*T)-3')"
4 polymer "DNA (5'-D(P*CP*TP*GP*AP*TP*GP*T)-3')"
5 non-polymer 'MERCURY (II) ION'
#
loop_
_entity_poly.entity_id
_entity_poly.type
_entity_poly.pdbx_seq_one_letter_code
_entity_poly.pdbx_strand_id
1 'polydeoxyribonucleotide'
;(DG)(DA)(DG)(DC)(DA)(DG)(DC)(DC)(DT)(DG)(DT)(5IU)(DT)(DG)(DG)(DA)(DC)(DA)(DT)
(DC)(DA)
;
A
2 'polydeoxyribonucleotide' (DC)(DC)(DA)(5IU)(DA)(DC)(DA) B
3 'polydeoxyribonucleotide' (DG)(DG)(DC)(DT)(DG)(DC)(DT) C
4 'polydeoxyribonucleotide' (DC)(DT)(DG)(DA)(DT)(DG)(DT) D
#